data_8VMB
#
_entry.id   8VMB
#
_cell.length_a   103.216
_cell.length_b   121.847
_cell.length_c   174.664
_cell.angle_alpha   90.000
_cell.angle_beta   90.000
_cell.angle_gamma   90.000
#
_symmetry.space_group_name_H-M   'I 21 21 21'
#
loop_
_entity.id
_entity.type
_entity.pdbx_description
1 polymer 'RNA (83-MER)'
2 polymer 'Heavy Chain of Fab BL3-6'
3 polymer 'Light Chain of Fab BL3-6'
#
loop_
_entity_poly.entity_id
_entity_poly.type
_entity_poly.pdbx_seq_one_letter_code
_entity_poly.pdbx_strand_id
1 'polyribonucleotide'
;GGAAACUGGGUAUAGGUGAAACACACCUGUACCACCCACGUGGUGUAGUGCUCCUGUAUUCCGGUACACUUGCACGCCAG
UUUCC
;
R
2 'polypeptide(L)'
;EISEVQLVESGGGLVQPGGSLRLSCAASGFYISYSSIHWVRQAPGKGLEWVASISPYSGSTYYADSVKGRFTISADTSKN
TAYLQMNSLRAEDTAVYYCARQGYRRRSGRGFDYWGQGTLVTVSSASTKGPSVFPLAPSSKSTSGGTAALGCLVKDYFPE
PVTVSWNSGALTSGVHTFPAVLQSSGLYSLSSVVTVPSSSLGTQTYICNVNHKPSNTKVDKKVEPKSCDKTHT
;
H
3 'polypeptide(L)'
;SDIQMTQSPSSLSASVGDRVTITCRASQSVSSAVAWYQQKPGKAPKLLIYSASSLYSGVPSRFSGSRSGTDFTLTISSLQ
PEDFATYYCQQSYSFPSTFGQGTKVEIKRTVAAPSVFIFPPSDEQLKSGTASVVCLLNNFYPREAKVQWKVDNALQSGNS
QESVTEQDSKDSTYSLSSTLTLSKADYEKHKVYACEVTHQGLSSPVTKSFNRGEC
;
L
#
loop_
_chem_comp.id
_chem_comp.type
_chem_comp.name
_chem_comp.formula
A RNA linking ADENOSINE-5'-MONOPHOSPHATE 'C10 H14 N5 O7 P'
C RNA linking CYTIDINE-5'-MONOPHOSPHATE 'C9 H14 N3 O8 P'
G RNA linking GUANOSINE-5'-MONOPHOSPHATE 'C10 H14 N5 O8 P'
U RNA linking URIDINE-5'-MONOPHOSPHATE 'C9 H13 N2 O9 P'
#
# COMPACT_ATOMS: atom_id res chain seq x y z
N SER B 3 -14.38 16.78 -10.57
CA SER B 3 -15.84 16.82 -10.47
C SER B 3 -16.33 18.09 -9.74
N GLU B 4 -17.62 18.40 -9.86
CA GLU B 4 -18.21 19.49 -9.09
C GLU B 4 -18.42 19.08 -7.64
N VAL B 5 -18.96 17.89 -7.43
CA VAL B 5 -19.17 17.39 -6.09
C VAL B 5 -17.82 16.93 -5.53
N GLN B 6 -17.46 17.45 -4.36
CA GLN B 6 -16.20 17.09 -3.76
C GLN B 6 -16.34 16.94 -2.26
N LEU B 7 -15.52 16.04 -1.70
CA LEU B 7 -15.33 15.88 -0.26
C LEU B 7 -13.84 15.99 0.02
N VAL B 8 -13.48 16.77 1.03
CA VAL B 8 -12.09 17.13 1.27
C VAL B 8 -11.84 16.95 2.76
N GLU B 9 -11.16 15.87 3.12
CA GLU B 9 -10.86 15.70 4.52
C GLU B 9 -9.61 16.50 4.89
N SER B 10 -9.49 16.83 6.16
CA SER B 10 -8.28 17.47 6.67
C SER B 10 -8.16 17.18 8.16
N GLY B 11 -6.97 17.47 8.72
CA GLY B 11 -6.78 17.41 10.15
C GLY B 11 -6.32 16.06 10.68
N GLY B 12 -6.25 15.04 9.84
CA GLY B 12 -5.50 13.86 10.20
C GLY B 12 -4.02 14.14 10.19
N GLY B 13 -3.29 13.42 11.04
CA GLY B 13 -1.87 13.65 11.13
C GLY B 13 -1.21 12.66 12.03
N LEU B 14 -0.26 13.15 12.82
CA LEU B 14 0.48 12.38 13.81
C LEU B 14 -0.15 12.57 15.18
N VAL B 15 -0.51 11.47 15.84
CA VAL B 15 -1.07 11.57 17.18
C VAL B 15 -0.44 10.49 18.07
N GLN B 16 0.01 10.89 19.25
CA GLN B 16 0.51 9.88 20.17
C GLN B 16 -0.63 9.18 20.89
N PRO B 17 -0.42 7.92 21.31
CA PRO B 17 -1.52 7.10 21.81
C PRO B 17 -2.19 7.71 23.04
N GLY B 18 -3.50 7.48 23.15
CA GLY B 18 -4.30 8.22 24.10
C GLY B 18 -4.61 9.65 23.67
N GLY B 19 -4.30 10.01 22.43
CA GLY B 19 -4.46 11.35 21.95
C GLY B 19 -5.86 11.61 21.40
N SER B 20 -5.99 12.79 20.76
CA SER B 20 -7.29 13.35 20.40
C SER B 20 -7.14 14.16 19.12
N LEU B 21 -7.46 13.54 17.97
CA LEU B 21 -7.58 14.27 16.70
C LEU B 21 -9.04 14.54 16.34
N ARG B 22 -9.27 15.63 15.62
CA ARG B 22 -10.58 15.84 15.01
C ARG B 22 -10.42 15.96 13.51
N LEU B 23 -11.22 15.20 12.76
CA LEU B 23 -11.19 15.20 11.30
C LEU B 23 -12.32 16.07 10.77
N SER B 24 -12.04 16.79 9.68
CA SER B 24 -13.05 17.59 9.00
C SER B 24 -13.29 17.01 7.63
N CYS B 25 -14.56 16.82 7.28
CA CYS B 25 -14.93 16.53 5.89
C CYS B 25 -15.73 17.71 5.38
N ALA B 26 -15.21 18.42 4.38
CA ALA B 26 -15.87 19.63 3.87
C ALA B 26 -16.36 19.38 2.45
N ALA B 27 -17.62 19.69 2.20
CA ALA B 27 -18.28 19.30 0.96
C ALA B 27 -18.47 20.49 0.03
N SER B 28 -18.48 20.19 -1.28
CA SER B 28 -18.71 21.17 -2.33
C SER B 28 -19.59 20.55 -3.41
N GLY B 29 -20.49 21.36 -3.96
CA GLY B 29 -21.33 20.90 -5.05
C GLY B 29 -22.54 20.14 -4.60
N PHE B 30 -22.71 19.94 -3.30
CA PHE B 30 -23.93 19.36 -2.80
C PHE B 30 -24.02 19.77 -1.33
N TYR B 31 -25.21 19.66 -0.77
CA TYR B 31 -25.38 20.00 0.64
C TYR B 31 -25.43 18.71 1.42
N ILE B 32 -24.67 18.64 2.51
CA ILE B 32 -24.65 17.40 3.26
C ILE B 32 -25.96 17.17 4.01
N SER B 33 -26.82 18.18 4.11
CA SER B 33 -27.99 17.96 4.94
C SER B 33 -29.07 17.13 4.25
N TYR B 34 -28.93 16.85 2.97
CA TYR B 34 -29.91 16.04 2.25
C TYR B 34 -29.39 14.63 1.94
N SER B 35 -28.21 14.28 2.43
CA SER B 35 -27.65 12.95 2.26
C SER B 35 -27.08 12.50 3.60
N SER B 36 -26.77 11.20 3.67
CA SER B 36 -26.15 10.60 4.85
C SER B 36 -24.65 10.55 4.63
N ILE B 37 -23.88 10.94 5.64
CA ILE B 37 -22.43 11.02 5.53
C ILE B 37 -21.79 9.91 6.38
N HIS B 38 -20.73 9.31 5.83
CA HIS B 38 -20.06 8.13 6.36
C HIS B 38 -18.55 8.35 6.48
N TRP B 39 -17.96 7.78 7.53
CA TRP B 39 -16.51 7.63 7.64
C TRP B 39 -16.12 6.16 7.47
N VAL B 40 -15.09 5.89 6.66
CA VAL B 40 -14.63 4.55 6.32
C VAL B 40 -13.12 4.58 6.32
N ARG B 41 -12.49 3.75 7.17
CA ARG B 41 -11.03 3.78 7.30
C ARG B 41 -10.41 2.54 6.69
N GLN B 42 -9.11 2.66 6.44
CA GLN B 42 -8.36 1.63 5.75
C GLN B 42 -6.94 1.66 6.28
N ALA B 43 -6.57 0.68 7.08
CA ALA B 43 -5.21 0.64 7.55
C ALA B 43 -4.32 0.21 6.39
N PRO B 44 -3.02 0.51 6.47
CA PRO B 44 -2.11 0.24 5.35
C PRO B 44 -2.08 -1.23 4.95
N GLY B 45 -2.11 -1.48 3.65
CA GLY B 45 -2.16 -2.84 3.13
C GLY B 45 -3.40 -3.61 3.50
N LYS B 46 -4.30 -3.01 4.26
CA LYS B 46 -5.49 -3.69 4.73
C LYS B 46 -6.71 -3.30 3.88
N GLY B 47 -7.83 -3.94 4.17
CA GLY B 47 -9.09 -3.65 3.52
C GLY B 47 -9.82 -2.50 4.20
N LEU B 48 -11.08 -2.33 3.81
CA LEU B 48 -11.89 -1.20 4.22
C LEU B 48 -12.68 -1.54 5.47
N GLU B 49 -12.97 -0.50 6.25
CA GLU B 49 -13.63 -0.65 7.54
C GLU B 49 -14.60 0.52 7.71
N TRP B 50 -15.90 0.28 7.55
CA TRP B 50 -16.89 1.25 7.99
C TRP B 50 -16.64 1.59 9.46
N VAL B 51 -16.79 2.87 9.79
CA VAL B 51 -16.44 3.41 11.12
C VAL B 51 -17.63 4.03 11.81
N ALA B 52 -18.29 4.99 11.16
CA ALA B 52 -19.42 5.73 11.74
C ALA B 52 -20.18 6.44 10.61
N SER B 53 -21.43 6.82 10.90
CA SER B 53 -22.23 7.58 9.94
C SER B 53 -23.27 8.41 10.66
N ILE B 54 -23.93 9.27 9.91
CA ILE B 54 -24.89 10.21 10.50
C ILE B 54 -26.07 10.34 9.55
N SER B 55 -27.29 10.22 10.10
CA SER B 55 -28.40 10.19 9.16
C SER B 55 -29.07 11.55 9.06
N PRO B 56 -29.46 11.94 7.86
CA PRO B 56 -29.98 13.29 7.67
C PRO B 56 -31.32 13.45 8.34
N TYR B 57 -31.62 14.72 8.66
CA TYR B 57 -32.89 15.24 9.17
C TYR B 57 -33.15 14.75 10.59
N SER B 58 -32.49 13.70 11.00
CA SER B 58 -32.64 13.16 12.33
C SER B 58 -31.44 13.45 13.18
N GLY B 59 -30.27 13.51 12.57
CA GLY B 59 -29.03 13.58 13.29
C GLY B 59 -28.57 12.24 13.81
N SER B 60 -29.33 11.18 13.57
CA SER B 60 -29.02 9.88 14.14
C SER B 60 -27.63 9.42 13.72
N THR B 61 -26.81 9.08 14.72
CA THR B 61 -25.45 8.63 14.52
C THR B 61 -25.38 7.11 14.70
N TYR B 62 -24.37 6.50 14.09
CA TYR B 62 -24.17 5.06 14.13
C TYR B 62 -22.67 4.79 14.12
N TYR B 63 -22.22 3.78 14.87
CA TYR B 63 -20.78 3.56 15.05
C TYR B 63 -20.47 2.08 14.90
N ALA B 64 -19.34 1.77 14.29
CA ALA B 64 -18.92 0.38 14.23
C ALA B 64 -18.46 -0.04 15.60
N ASP B 65 -18.59 -1.34 15.89
CA ASP B 65 -18.39 -1.73 17.28
C ASP B 65 -16.97 -1.46 17.74
N SER B 66 -16.02 -1.40 16.82
CA SER B 66 -14.61 -1.25 17.17
C SER B 66 -14.22 0.17 17.52
N VAL B 67 -15.12 1.15 17.39
CA VAL B 67 -14.83 2.52 17.79
C VAL B 67 -15.87 3.07 18.74
N LYS B 68 -16.89 2.28 19.07
CA LYS B 68 -17.87 2.66 20.05
C LYS B 68 -17.17 3.19 21.29
N GLY B 69 -17.65 4.33 21.80
CA GLY B 69 -17.16 4.94 23.00
C GLY B 69 -16.01 5.92 22.82
N ARG B 70 -15.25 5.80 21.73
CA ARG B 70 -14.08 6.63 21.54
C ARG B 70 -14.29 7.76 20.54
N PHE B 71 -15.10 7.53 19.52
CA PHE B 71 -15.30 8.51 18.46
C PHE B 71 -16.70 9.12 18.59
N THR B 72 -16.88 10.26 17.92
CA THR B 72 -18.15 10.95 17.79
C THR B 72 -18.22 11.54 16.38
N ILE B 73 -19.31 11.27 15.66
CA ILE B 73 -19.55 11.89 14.36
C ILE B 73 -20.58 12.99 14.51
N SER B 74 -20.30 14.14 13.91
CA SER B 74 -21.18 15.29 14.01
C SER B 74 -21.13 16.06 12.69
N ALA B 75 -22.14 16.89 12.47
CA ALA B 75 -22.23 17.65 11.23
C ALA B 75 -22.54 19.11 11.53
N ASP B 76 -22.28 19.95 10.53
CA ASP B 76 -22.53 21.39 10.63
C ASP B 76 -23.07 21.85 9.27
N THR B 77 -24.38 22.11 9.20
CA THR B 77 -24.93 22.66 7.97
C THR B 77 -24.37 24.05 7.67
N SER B 78 -24.32 24.92 8.68
CA SER B 78 -23.78 26.27 8.48
C SER B 78 -22.47 26.25 7.72
N LYS B 79 -21.66 25.21 7.92
CA LYS B 79 -20.33 25.14 7.32
C LYS B 79 -20.20 23.91 6.43
N ASN B 80 -21.31 23.21 6.19
CA ASN B 80 -21.44 22.14 5.20
C ASN B 80 -20.38 21.07 5.43
N THR B 81 -20.02 20.85 6.69
CA THR B 81 -18.89 20.02 7.05
C THR B 81 -19.31 18.94 8.04
N ALA B 82 -18.86 17.71 7.78
CA ALA B 82 -18.93 16.64 8.76
C ALA B 82 -17.64 16.56 9.55
N TYR B 83 -17.73 16.01 10.75
CA TYR B 83 -16.61 15.92 11.67
C TYR B 83 -16.51 14.49 12.19
N LEU B 84 -15.34 14.16 12.72
CA LEU B 84 -15.13 12.88 13.40
C LEU B 84 -14.16 13.13 14.56
N GLN B 85 -14.72 13.44 15.73
CA GLN B 85 -13.90 13.58 16.92
C GLN B 85 -13.35 12.24 17.35
N MET B 86 -12.03 12.14 17.51
CA MET B 86 -11.43 10.89 17.93
C MET B 86 -10.80 11.08 19.29
N ASN B 87 -11.15 10.20 20.21
CA ASN B 87 -10.61 10.22 21.54
C ASN B 87 -10.05 8.84 21.83
N SER B 88 -9.12 8.79 22.80
CA SER B 88 -8.58 7.52 23.31
C SER B 88 -7.92 6.72 22.18
N LEU B 89 -7.08 7.40 21.39
CA LEU B 89 -6.51 6.80 20.18
C LEU B 89 -5.45 5.76 20.50
N ARG B 90 -5.28 4.85 19.55
CA ARG B 90 -4.29 3.80 19.69
C ARG B 90 -3.84 3.36 18.30
N ALA B 91 -2.65 2.76 18.24
CA ALA B 91 -1.98 2.51 16.97
C ALA B 91 -2.80 1.63 16.05
N GLU B 92 -3.66 0.80 16.61
CA GLU B 92 -4.59 0.03 15.78
C GLU B 92 -5.39 0.95 14.87
N ASP B 93 -5.62 2.18 15.31
CA ASP B 93 -6.39 3.15 14.56
C ASP B 93 -5.59 3.83 13.46
N THR B 94 -4.33 3.47 13.25
CA THR B 94 -3.60 4.04 12.13
C THR B 94 -4.20 3.62 10.80
N ALA B 95 -4.81 4.57 10.12
CA ALA B 95 -5.38 4.29 8.81
C ALA B 95 -5.62 5.59 8.04
N VAL B 96 -5.81 5.43 6.72
CA VAL B 96 -6.36 6.49 5.90
C VAL B 96 -7.85 6.57 6.20
N TYR B 97 -8.31 7.73 6.62
CA TYR B 97 -9.71 7.92 6.99
C TYR B 97 -10.49 8.62 5.86
N TYR B 98 -11.07 7.82 4.97
CA TYR B 98 -11.95 8.35 3.94
C TYR B 98 -13.26 8.87 4.53
N CYS B 99 -13.86 9.80 3.82
CA CYS B 99 -15.18 10.36 4.09
C CYS B 99 -16.04 10.12 2.85
N ALA B 100 -17.26 9.64 3.04
CA ALA B 100 -18.08 9.29 1.89
C ALA B 100 -19.50 9.79 2.06
N ARG B 101 -20.30 9.66 1.02
CA ARG B 101 -21.68 10.09 1.07
C ARG B 101 -22.59 9.03 0.47
N GLN B 102 -23.69 8.68 1.15
CA GLN B 102 -24.69 7.86 0.47
C GLN B 102 -25.36 8.65 -0.65
N GLY B 103 -25.69 7.95 -1.73
CA GLY B 103 -26.37 8.59 -2.81
C GLY B 103 -27.79 8.97 -2.46
N TYR B 104 -28.52 9.34 -3.50
CA TYR B 104 -29.96 9.50 -3.42
C TYR B 104 -30.60 8.13 -3.67
N ARG B 105 -31.48 7.73 -2.75
CA ARG B 105 -32.20 6.46 -2.84
C ARG B 105 -32.70 6.14 -4.26
N ARG B 106 -33.24 7.12 -4.99
CA ARG B 106 -33.85 6.71 -6.26
C ARG B 106 -32.84 6.34 -7.33
N ARG B 107 -31.59 6.78 -7.17
CA ARG B 107 -30.55 6.65 -8.20
C ARG B 107 -29.42 5.71 -7.84
N SER B 108 -29.03 5.66 -6.58
CA SER B 108 -27.87 4.88 -6.17
C SER B 108 -28.13 4.13 -4.86
N GLY B 109 -29.39 3.92 -4.53
CA GLY B 109 -29.75 3.06 -3.42
C GLY B 109 -29.19 3.56 -2.11
N ARG B 110 -28.43 2.69 -1.45
CA ARG B 110 -27.66 3.08 -0.27
C ARG B 110 -26.17 3.09 -0.56
N GLY B 111 -25.79 2.91 -1.81
CA GLY B 111 -24.39 2.92 -2.18
C GLY B 111 -23.71 4.24 -1.83
N PHE B 112 -22.39 4.19 -1.76
CA PHE B 112 -21.58 5.35 -1.42
C PHE B 112 -21.03 5.85 -2.73
N ASP B 113 -21.58 6.95 -3.24
CA ASP B 113 -21.24 7.38 -4.59
C ASP B 113 -20.14 8.43 -4.65
N TYR B 114 -19.87 9.15 -3.56
CA TYR B 114 -18.85 10.20 -3.54
C TYR B 114 -17.97 10.05 -2.30
N TRP B 115 -16.65 10.08 -2.51
CA TRP B 115 -15.61 9.78 -1.54
C TRP B 115 -14.59 10.91 -1.46
N GLY B 116 -14.20 11.28 -0.25
CA GLY B 116 -13.09 12.20 -0.11
C GLY B 116 -11.80 11.58 -0.63
N GLN B 117 -10.72 12.31 -0.42
CA GLN B 117 -9.39 11.80 -0.75
C GLN B 117 -8.89 10.79 0.25
N GLY B 118 -9.43 10.82 1.47
CA GLY B 118 -8.86 10.14 2.62
C GLY B 118 -7.74 10.99 3.18
N THR B 119 -7.76 11.26 4.48
CA THR B 119 -6.63 11.82 5.20
C THR B 119 -6.01 10.76 6.11
N LEU B 120 -4.71 10.90 6.39
CA LEU B 120 -3.95 9.88 7.12
C LEU B 120 -3.76 10.25 8.59
N VAL B 121 -4.25 9.39 9.47
CA VAL B 121 -3.92 9.45 10.88
C VAL B 121 -2.82 8.43 11.12
N THR B 122 -1.74 8.85 11.78
CA THR B 122 -0.70 7.95 12.29
C THR B 122 -0.66 8.05 13.81
N VAL B 123 -1.16 7.02 14.49
CA VAL B 123 -1.05 6.90 15.94
C VAL B 123 0.28 6.24 16.29
N SER B 124 1.15 6.99 16.94
CA SER B 124 2.50 6.55 17.21
C SER B 124 3.20 7.56 18.13
N SER B 125 4.02 7.07 19.05
CA SER B 125 4.75 8.01 19.90
C SER B 125 6.01 8.55 19.23
N ALA B 126 6.24 8.21 17.96
CA ALA B 126 7.48 8.61 17.29
C ALA B 126 7.52 10.12 17.05
N SER B 127 8.73 10.67 17.06
CA SER B 127 8.94 12.08 16.76
C SER B 127 9.08 12.26 15.26
N THR B 128 8.42 13.28 14.72
CA THR B 128 8.60 13.63 13.33
C THR B 128 10.09 13.71 13.03
N LYS B 129 10.51 12.99 12.00
CA LYS B 129 11.93 12.78 11.77
C LYS B 129 12.19 12.70 10.29
N GLY B 130 13.34 13.22 9.86
CA GLY B 130 13.73 13.17 8.49
C GLY B 130 14.47 11.88 8.18
N PRO B 131 14.32 11.41 6.95
CA PRO B 131 14.97 10.16 6.56
C PRO B 131 16.47 10.35 6.45
N SER B 132 17.21 9.25 6.45
CA SER B 132 18.62 9.27 6.05
C SER B 132 18.76 8.42 4.80
N VAL B 133 19.55 8.89 3.84
CA VAL B 133 19.61 8.28 2.53
C VAL B 133 21.02 7.78 2.27
N PHE B 134 21.14 6.51 1.91
CA PHE B 134 22.44 5.92 1.73
C PHE B 134 22.47 5.24 0.37
N PRO B 135 23.63 5.20 -0.27
CA PRO B 135 23.70 4.64 -1.62
C PRO B 135 23.75 3.13 -1.65
N LEU B 136 22.92 2.54 -2.51
CA LEU B 136 23.05 1.14 -2.89
C LEU B 136 23.86 1.12 -4.19
N ALA B 137 25.17 0.89 -4.08
CA ALA B 137 26.06 1.01 -5.22
C ALA B 137 25.96 -0.20 -6.16
N PRO B 138 26.25 -0.03 -7.44
CA PRO B 138 26.30 -1.18 -8.35
C PRO B 138 27.47 -2.09 -8.04
N SER B 139 27.28 -3.38 -8.34
CA SER B 139 28.31 -4.37 -8.04
C SER B 139 29.56 -4.11 -8.85
N SER B 140 30.71 -4.42 -8.26
CA SER B 140 31.94 -4.40 -9.04
C SER B 140 31.90 -5.47 -10.11
N LYS B 141 31.35 -6.66 -9.79
CA LYS B 141 31.20 -7.68 -10.82
C LYS B 141 30.11 -7.31 -11.82
N SER B 142 28.97 -6.80 -11.33
CA SER B 142 27.78 -6.51 -12.12
C SER B 142 27.58 -7.54 -13.23
N THR B 143 27.71 -7.11 -14.48
CA THR B 143 27.65 -8.01 -15.62
C THR B 143 28.53 -7.40 -16.71
N SER B 144 29.19 -8.25 -17.51
CA SER B 144 29.98 -7.72 -18.62
C SER B 144 29.09 -7.07 -19.67
N GLY B 145 27.89 -7.65 -19.91
CA GLY B 145 26.86 -6.96 -20.65
C GLY B 145 26.02 -6.08 -19.73
N GLY B 146 25.33 -5.11 -20.33
CA GLY B 146 24.73 -4.03 -19.56
C GLY B 146 23.51 -4.36 -18.72
N THR B 147 23.66 -5.14 -17.65
CA THR B 147 22.59 -5.38 -16.68
C THR B 147 23.13 -5.05 -15.29
N ALA B 148 22.81 -3.86 -14.79
CA ALA B 148 23.32 -3.38 -13.52
C ALA B 148 22.17 -2.86 -12.65
N ALA B 149 22.39 -2.85 -11.34
CA ALA B 149 21.36 -2.53 -10.37
C ALA B 149 21.88 -1.62 -9.27
N LEU B 150 21.16 -0.54 -8.98
CA LEU B 150 21.54 0.43 -7.95
C LEU B 150 20.28 1.03 -7.35
N GLY B 151 20.47 1.78 -6.27
CA GLY B 151 19.33 2.41 -5.64
C GLY B 151 19.75 3.30 -4.50
N CYS B 152 18.80 3.56 -3.63
CA CYS B 152 19.04 4.30 -2.39
C CYS B 152 18.29 3.60 -1.25
N LEU B 153 18.88 3.61 -0.07
CA LEU B 153 18.16 3.18 1.11
C LEU B 153 17.70 4.42 1.86
N VAL B 154 16.41 4.48 2.16
CA VAL B 154 15.78 5.64 2.80
C VAL B 154 15.31 5.17 4.16
N LYS B 155 16.06 5.48 5.21
CA LYS B 155 15.90 4.81 6.50
C LYS B 155 15.52 5.82 7.58
N ASP B 156 14.73 5.34 8.56
CA ASP B 156 14.47 6.02 9.83
C ASP B 156 13.75 7.37 9.74
N TYR B 157 12.56 7.39 9.14
CA TYR B 157 11.77 8.61 9.03
C TYR B 157 10.38 8.42 9.62
N PHE B 158 9.76 9.56 9.88
CA PHE B 158 8.47 9.51 10.52
C PHE B 158 7.75 10.85 10.43
N PRO B 159 6.45 10.88 10.15
CA PRO B 159 5.64 9.72 9.75
C PRO B 159 5.77 9.43 8.27
N GLU B 160 4.84 8.67 7.71
CA GLU B 160 4.68 8.49 6.28
C GLU B 160 4.08 9.75 5.67
N PRO B 161 4.27 9.99 4.36
CA PRO B 161 5.02 9.19 3.39
C PRO B 161 6.31 9.85 2.95
N VAL B 162 7.09 9.17 2.12
CA VAL B 162 8.09 9.84 1.33
C VAL B 162 7.72 9.70 -0.14
N THR B 163 8.40 10.47 -0.97
CA THR B 163 8.29 10.44 -2.41
C THR B 163 9.73 10.40 -2.93
N VAL B 164 10.03 9.43 -3.79
CA VAL B 164 11.38 9.26 -4.32
C VAL B 164 11.32 9.33 -5.84
N SER B 165 12.25 10.09 -6.44
CA SER B 165 12.38 10.15 -7.89
C SER B 165 13.84 10.06 -8.29
N TRP B 166 14.06 9.75 -9.56
CA TRP B 166 15.40 9.52 -10.10
C TRP B 166 15.72 10.55 -11.18
N ASN B 167 16.82 11.27 -10.97
CA ASN B 167 17.21 12.39 -11.80
C ASN B 167 16.06 13.37 -11.94
N SER B 168 15.40 13.67 -10.81
CA SER B 168 14.31 14.65 -10.71
C SER B 168 13.19 14.34 -11.70
N GLY B 169 12.84 13.07 -11.84
CA GLY B 169 11.86 12.64 -12.79
C GLY B 169 12.42 12.19 -14.13
N ALA B 170 13.66 12.55 -14.45
CA ALA B 170 14.25 12.14 -15.72
C ALA B 170 14.20 10.63 -15.91
N LEU B 171 14.49 9.86 -14.85
CA LEU B 171 14.63 8.41 -14.93
C LEU B 171 13.38 7.74 -14.35
N THR B 172 12.68 6.96 -15.20
CA THR B 172 11.50 6.26 -14.73
C THR B 172 11.52 4.77 -15.11
N SER B 173 12.17 4.43 -16.22
CA SER B 173 12.10 3.06 -16.73
C SER B 173 13.04 2.13 -15.97
N GLY B 174 12.47 1.06 -15.42
CA GLY B 174 13.22 0.10 -14.62
C GLY B 174 13.31 0.45 -13.16
N VAL B 175 12.61 1.50 -12.73
CA VAL B 175 12.65 1.94 -11.34
C VAL B 175 11.54 1.27 -10.56
N HIS B 176 11.90 0.65 -9.44
CA HIS B 176 10.99 0.13 -8.43
C HIS B 176 11.27 0.87 -7.14
N THR B 177 10.27 1.50 -6.58
CA THR B 177 10.37 2.03 -5.23
C THR B 177 9.42 1.24 -4.33
N PHE B 178 9.98 0.52 -3.34
CA PHE B 178 9.25 -0.49 -2.61
C PHE B 178 8.46 0.14 -1.47
N PRO B 179 7.40 -0.54 -1.03
CA PRO B 179 6.62 -0.06 0.11
C PRO B 179 7.46 0.05 1.35
N ALA B 180 7.26 1.14 2.09
CA ALA B 180 8.02 1.33 3.32
C ALA B 180 7.71 0.22 4.31
N VAL B 181 8.59 0.05 5.28
CA VAL B 181 8.45 -0.99 6.28
C VAL B 181 8.58 -0.36 7.65
N LEU B 182 7.60 -0.59 8.52
CA LEU B 182 7.65 -0.01 9.86
C LEU B 182 8.55 -0.90 10.72
N GLN B 183 9.74 -0.40 11.02
CA GLN B 183 10.70 -1.22 11.74
C GLN B 183 10.51 -1.06 13.24
N SER B 184 11.09 -2.00 13.99
CA SER B 184 10.69 -2.16 15.39
C SER B 184 11.01 -0.94 16.25
N SER B 185 11.83 -0.01 15.76
CA SER B 185 12.04 1.27 16.43
C SER B 185 10.91 2.25 16.21
N GLY B 186 9.88 1.91 15.44
CA GLY B 186 8.81 2.86 15.16
C GLY B 186 9.11 3.85 14.06
N LEU B 187 10.28 3.80 13.45
CA LEU B 187 10.55 4.59 12.28
C LEU B 187 10.33 3.76 11.03
N TYR B 188 10.11 4.45 9.91
CA TYR B 188 9.87 3.79 8.64
C TYR B 188 11.17 3.66 7.85
N SER B 189 11.15 2.71 6.93
CA SER B 189 12.29 2.57 6.04
C SER B 189 11.85 1.89 4.77
N LEU B 190 12.30 2.41 3.64
CA LEU B 190 12.11 1.74 2.38
C LEU B 190 13.32 2.02 1.54
N SER B 191 13.46 1.26 0.47
CA SER B 191 14.47 1.58 -0.51
C SER B 191 13.85 1.64 -1.90
N SER B 192 14.59 2.28 -2.80
CA SER B 192 14.23 2.46 -4.19
C SER B 192 15.38 1.97 -5.04
N VAL B 193 15.08 1.29 -6.13
CA VAL B 193 16.11 0.74 -6.99
C VAL B 193 15.82 1.12 -8.44
N VAL B 194 16.80 0.87 -9.30
CA VAL B 194 16.63 1.01 -10.74
C VAL B 194 17.67 0.12 -11.40
N THR B 195 17.30 -0.45 -12.53
CA THR B 195 18.23 -1.22 -13.33
C THR B 195 18.61 -0.42 -14.56
N VAL B 196 19.91 -0.31 -14.79
CA VAL B 196 20.51 0.49 -15.86
C VAL B 196 21.56 -0.37 -16.55
N PRO B 197 21.93 -0.01 -17.78
CA PRO B 197 23.05 -0.73 -18.43
C PRO B 197 24.35 -0.59 -17.65
N SER B 198 25.12 -1.68 -17.61
CA SER B 198 26.46 -1.61 -17.03
C SER B 198 27.36 -0.71 -17.84
N SER B 199 27.14 -0.65 -19.16
CA SER B 199 27.92 0.21 -20.01
C SER B 199 27.75 1.70 -19.66
N SER B 200 26.66 2.06 -18.98
CA SER B 200 26.39 3.45 -18.67
C SER B 200 27.04 3.92 -17.38
N LEU B 201 27.51 3.00 -16.55
CA LEU B 201 27.96 3.35 -15.20
C LEU B 201 29.14 4.29 -15.25
N GLY B 202 30.08 4.06 -16.15
CA GLY B 202 31.29 4.84 -16.20
C GLY B 202 31.10 6.29 -16.61
N THR B 203 29.92 6.67 -17.05
CA THR B 203 29.68 8.09 -17.31
C THR B 203 28.44 8.65 -16.64
N GLN B 204 27.34 7.90 -16.65
CA GLN B 204 26.01 8.46 -16.40
C GLN B 204 25.78 8.60 -14.89
N THR B 205 25.46 9.82 -14.43
CA THR B 205 25.38 10.09 -13.00
C THR B 205 23.93 10.00 -12.54
N TYR B 206 23.68 9.13 -11.55
CA TYR B 206 22.37 8.75 -11.06
C TYR B 206 22.12 9.34 -9.69
N ILE B 207 21.01 10.04 -9.52
CA ILE B 207 20.71 10.79 -8.31
C ILE B 207 19.29 10.45 -7.89
N CYS B 208 19.11 9.96 -6.68
CA CYS B 208 17.75 9.73 -6.22
C CYS B 208 17.28 10.96 -5.46
N ASN B 209 16.02 11.31 -5.67
CA ASN B 209 15.43 12.52 -5.13
C ASN B 209 14.44 12.12 -4.06
N VAL B 210 14.70 12.53 -2.84
CA VAL B 210 13.91 12.09 -1.71
C VAL B 210 13.24 13.30 -1.10
N ASN B 211 11.93 13.25 -1.00
CA ASN B 211 11.22 14.28 -0.27
C ASN B 211 10.35 13.62 0.80
N HIS B 212 10.63 13.95 2.04
CA HIS B 212 9.77 13.62 3.18
C HIS B 212 9.09 14.91 3.58
N LYS B 213 7.88 15.10 3.08
CA LYS B 213 7.14 16.32 3.38
C LYS B 213 6.92 16.55 4.87
N PRO B 214 6.40 15.59 5.65
CA PRO B 214 6.06 15.89 7.06
C PRO B 214 7.09 16.67 7.87
N SER B 215 8.36 16.69 7.45
CA SER B 215 9.40 17.30 8.27
C SER B 215 10.25 18.30 7.49
N ASN B 216 9.81 18.67 6.29
CA ASN B 216 10.52 19.62 5.42
C ASN B 216 11.93 19.10 5.09
N THR B 217 11.96 18.00 4.36
CA THR B 217 13.22 17.28 4.12
C THR B 217 13.28 16.87 2.66
N LYS B 218 14.19 17.47 1.90
CA LYS B 218 14.58 16.96 0.59
C LYS B 218 16.04 16.56 0.67
N VAL B 219 16.37 15.42 0.09
CA VAL B 219 17.74 14.97 0.01
C VAL B 219 17.97 14.39 -1.37
N ASP B 220 19.16 14.59 -1.89
CA ASP B 220 19.59 13.96 -3.12
C ASP B 220 20.90 13.29 -2.81
N LYS B 221 21.04 12.05 -3.25
CA LYS B 221 22.29 11.33 -3.12
C LYS B 221 22.75 10.99 -4.52
N LYS B 222 23.96 11.40 -4.87
CA LYS B 222 24.58 10.79 -6.03
C LYS B 222 24.93 9.36 -5.66
N VAL B 223 24.86 8.47 -6.63
CA VAL B 223 24.99 7.04 -6.39
C VAL B 223 26.04 6.52 -7.37
N GLU B 224 27.26 6.37 -6.91
CA GLU B 224 28.39 6.04 -7.76
C GLU B 224 28.68 4.54 -7.73
N PRO B 225 29.56 4.05 -8.62
CA PRO B 225 30.11 2.71 -8.45
C PRO B 225 31.00 2.65 -7.23
N LYS B 226 31.15 1.44 -6.68
CA LYS B 226 31.96 1.29 -5.48
C LYS B 226 33.37 1.84 -5.72
N SER B 227 33.95 2.43 -4.69
CA SER B 227 35.32 2.94 -4.79
C SER B 227 36.30 1.81 -5.05
N CYS B 228 37.26 2.06 -5.94
CA CYS B 228 38.26 1.11 -6.47
C CYS B 228 37.67 0.16 -7.53
N ASP B 229 36.40 0.32 -7.90
CA ASP B 229 35.71 -0.47 -8.93
C ASP B 229 35.98 0.12 -10.31
N LYS B 230 37.12 -0.24 -10.90
CA LYS B 230 37.48 0.32 -12.22
C LYS B 230 37.33 -0.70 -13.33
N SER C 1 -26.84 -8.92 16.65
CA SER C 1 -25.47 -9.28 16.22
C SER C 1 -24.93 -8.30 15.16
N ASP C 2 -23.68 -8.48 14.77
CA ASP C 2 -23.13 -7.75 13.65
C ASP C 2 -23.08 -8.67 12.43
N ILE C 3 -23.60 -8.18 11.30
CA ILE C 3 -23.69 -9.00 10.09
C ILE C 3 -22.32 -9.17 9.46
N GLN C 4 -22.00 -10.38 9.06
CA GLN C 4 -20.67 -10.64 8.52
C GLN C 4 -20.74 -10.77 7.01
N MET C 5 -19.74 -10.26 6.33
CA MET C 5 -19.66 -10.33 4.88
C MET C 5 -18.41 -11.11 4.54
N THR C 6 -18.57 -12.20 3.83
CA THR C 6 -17.50 -13.18 3.68
C THR C 6 -17.26 -13.37 2.20
N GLN C 7 -16.13 -12.86 1.73
CA GLN C 7 -15.88 -12.58 0.33
C GLN C 7 -14.74 -13.45 -0.19
N SER C 8 -15.07 -14.51 -1.06
CA SER C 8 -14.15 -15.40 -1.77
C SER C 8 -14.04 -15.00 -3.24
N PRO C 9 -12.88 -15.20 -3.88
CA PRO C 9 -11.59 -15.50 -3.26
C PRO C 9 -11.05 -14.21 -2.70
N SER C 10 -10.01 -14.18 -1.89
CA SER C 10 -9.45 -12.92 -1.47
C SER C 10 -8.36 -12.44 -2.40
N SER C 11 -7.95 -13.29 -3.34
CA SER C 11 -7.30 -12.79 -4.53
C SER C 11 -7.53 -13.79 -5.65
N LEU C 12 -7.09 -13.41 -6.84
CA LEU C 12 -7.53 -14.07 -8.06
C LEU C 12 -6.58 -13.70 -9.18
N SER C 13 -6.09 -14.69 -9.91
CA SER C 13 -5.16 -14.43 -11.00
C SER C 13 -5.85 -14.81 -12.31
N ALA C 14 -6.14 -13.82 -13.18
CA ALA C 14 -6.80 -14.06 -14.46
C ALA C 14 -6.18 -13.24 -15.58
N SER C 15 -6.59 -13.55 -16.81
CA SER C 15 -6.15 -12.84 -18.00
C SER C 15 -7.18 -11.84 -18.55
N VAL C 16 -6.71 -10.93 -19.41
CA VAL C 16 -7.62 -10.05 -20.14
C VAL C 16 -8.59 -10.90 -20.96
N GLY C 17 -9.89 -10.61 -20.83
CA GLY C 17 -10.90 -11.30 -21.60
C GLY C 17 -11.53 -12.50 -20.92
N ASP C 18 -11.21 -12.74 -19.66
CA ASP C 18 -11.82 -13.82 -18.89
C ASP C 18 -13.09 -13.33 -18.21
N ARG C 19 -14.08 -14.21 -18.10
CA ARG C 19 -15.16 -13.97 -17.15
C ARG C 19 -14.65 -14.27 -15.74
N VAL C 20 -15.06 -13.46 -14.77
CA VAL C 20 -14.63 -13.64 -13.39
C VAL C 20 -15.83 -13.43 -12.46
N THR C 21 -15.74 -13.98 -11.25
CA THR C 21 -16.83 -13.82 -10.28
C THR C 21 -16.30 -13.77 -8.86
N ILE C 22 -16.54 -12.66 -8.20
CA ILE C 22 -16.27 -12.54 -6.78
C ILE C 22 -17.55 -12.84 -6.02
N THR C 23 -17.45 -13.58 -4.92
CA THR C 23 -18.63 -14.00 -4.17
C THR C 23 -18.54 -13.42 -2.77
N CYS C 24 -19.68 -13.18 -2.15
CA CYS C 24 -19.71 -12.45 -0.87
C CYS C 24 -20.94 -12.91 -0.10
N ARG C 25 -20.74 -13.84 0.84
CA ARG C 25 -21.82 -14.50 1.55
C ARG C 25 -22.11 -13.77 2.86
N ALA C 26 -23.37 -13.76 3.25
CA ALA C 26 -23.80 -12.95 4.37
C ALA C 26 -24.17 -13.85 5.52
N SER C 27 -23.83 -13.40 6.73
CA SER C 27 -24.13 -14.19 7.91
C SER C 27 -25.62 -14.17 8.24
N GLN C 28 -26.34 -13.12 7.82
CA GLN C 28 -27.79 -12.99 8.00
C GLN C 28 -28.39 -12.44 6.70
N SER C 29 -29.69 -12.15 6.74
CA SER C 29 -30.37 -11.61 5.58
C SER C 29 -30.10 -10.12 5.47
N VAL C 30 -29.85 -9.66 4.23
CA VAL C 30 -29.60 -8.25 3.96
C VAL C 30 -30.54 -7.80 2.84
N SER C 31 -31.57 -8.62 2.58
CA SER C 31 -32.53 -8.33 1.53
C SER C 31 -31.72 -8.06 0.26
N SER C 32 -31.65 -6.82 -0.19
CA SER C 32 -30.76 -6.51 -1.31
C SER C 32 -29.82 -5.36 -0.99
N ALA C 33 -29.47 -5.12 0.28
CA ALA C 33 -28.67 -3.95 0.63
C ALA C 33 -27.19 -4.13 0.42
N VAL C 34 -26.81 -4.67 -0.73
CA VAL C 34 -25.42 -4.99 -1.04
C VAL C 34 -24.92 -3.94 -2.02
N ALA C 35 -23.65 -3.58 -1.90
CA ALA C 35 -23.03 -2.71 -2.88
C ALA C 35 -21.61 -3.22 -3.09
N TRP C 36 -21.08 -3.03 -4.29
CA TRP C 36 -19.73 -3.46 -4.65
C TRP C 36 -18.89 -2.25 -5.01
N TYR C 37 -17.64 -2.23 -4.55
CA TYR C 37 -16.74 -1.11 -4.77
C TYR C 37 -15.51 -1.61 -5.49
N GLN C 38 -14.85 -0.71 -6.23
CA GLN C 38 -13.56 -0.98 -6.86
C GLN C 38 -12.56 0.04 -6.34
N GLN C 39 -11.42 -0.44 -5.85
CA GLN C 39 -10.37 0.45 -5.38
C GLN C 39 -9.08 0.07 -6.07
N LYS C 40 -8.31 1.09 -6.42
CA LYS C 40 -7.01 0.99 -7.06
C LYS C 40 -6.00 1.69 -6.17
N PRO C 41 -4.71 1.31 -6.27
CA PRO C 41 -3.74 1.77 -5.28
C PRO C 41 -3.66 3.28 -5.24
N GLY C 42 -3.56 3.81 -4.02
CA GLY C 42 -3.46 5.24 -3.77
C GLY C 42 -4.74 6.00 -3.96
N LYS C 43 -5.83 5.33 -4.23
CA LYS C 43 -7.04 5.97 -4.71
C LYS C 43 -8.22 5.52 -3.87
N ALA C 44 -9.16 6.41 -3.69
CA ALA C 44 -10.44 6.14 -3.08
C ALA C 44 -11.13 4.99 -3.81
N PRO C 45 -12.16 4.41 -3.20
CA PRO C 45 -13.01 3.46 -3.91
C PRO C 45 -13.93 4.17 -4.89
N LYS C 46 -14.48 3.37 -5.81
CA LYS C 46 -15.51 3.81 -6.73
C LYS C 46 -16.63 2.80 -6.69
N LEU C 47 -17.87 3.29 -6.65
CA LEU C 47 -19.05 2.44 -6.64
C LEU C 47 -19.26 1.75 -7.99
N LEU C 48 -19.70 0.48 -7.96
CA LEU C 48 -19.95 -0.33 -9.16
C LEU C 48 -21.38 -0.85 -9.26
N ILE C 49 -21.94 -1.36 -8.16
CA ILE C 49 -23.25 -1.99 -8.09
C ILE C 49 -23.92 -1.47 -6.82
N TYR C 50 -25.21 -1.17 -6.88
CA TYR C 50 -25.89 -0.74 -5.67
C TYR C 50 -27.19 -1.54 -5.58
N SER C 51 -27.69 -1.60 -4.35
CA SER C 51 -28.69 -2.58 -3.96
C SER C 51 -28.29 -3.96 -4.54
N ALA C 52 -29.24 -4.73 -5.03
CA ALA C 52 -28.85 -6.09 -5.44
C ALA C 52 -27.85 -6.04 -6.59
N SER C 53 -28.31 -5.54 -7.70
CA SER C 53 -27.74 -5.85 -9.00
C SER C 53 -27.73 -4.63 -9.90
N SER C 54 -28.11 -3.47 -9.37
CA SER C 54 -28.24 -2.27 -10.15
C SER C 54 -26.90 -1.59 -10.28
N LEU C 55 -26.62 -1.14 -11.49
CA LEU C 55 -25.31 -0.70 -11.95
C LEU C 55 -25.17 0.82 -11.88
N TYR C 56 -24.45 1.31 -10.87
CA TYR C 56 -24.28 2.76 -10.69
C TYR C 56 -23.82 3.42 -11.98
N SER C 57 -24.32 4.64 -12.23
CA SER C 57 -24.22 5.24 -13.56
C SER C 57 -22.77 5.45 -13.99
N GLY C 58 -22.50 5.15 -15.26
CA GLY C 58 -21.20 5.33 -15.83
C GLY C 58 -20.33 4.10 -15.78
N VAL C 59 -20.57 3.24 -14.79
CA VAL C 59 -19.87 1.96 -14.70
C VAL C 59 -20.16 1.16 -15.96
N PRO C 60 -19.16 0.54 -16.59
CA PRO C 60 -19.42 -0.22 -17.83
C PRO C 60 -20.38 -1.36 -17.58
N SER C 61 -20.89 -1.89 -18.68
CA SER C 61 -21.91 -2.93 -18.60
C SER C 61 -21.31 -4.32 -18.49
N ARG C 62 -20.00 -4.48 -18.64
CA ARG C 62 -19.41 -5.78 -18.30
C ARG C 62 -19.53 -6.11 -16.81
N PHE C 63 -19.74 -5.09 -15.97
CA PHE C 63 -20.01 -5.25 -14.55
C PHE C 63 -21.47 -5.58 -14.32
N SER C 64 -21.74 -6.75 -13.72
CA SER C 64 -23.07 -7.08 -13.20
C SER C 64 -23.01 -7.57 -11.76
N GLY C 65 -24.14 -7.51 -11.09
CA GLY C 65 -24.27 -8.04 -9.75
C GLY C 65 -25.49 -8.95 -9.69
N SER C 66 -25.43 -9.96 -8.83
CA SER C 66 -26.53 -10.89 -8.74
C SER C 66 -26.80 -11.22 -7.29
N ARG C 67 -27.82 -12.05 -7.06
CA ARG C 67 -28.23 -12.42 -5.71
C ARG C 67 -28.95 -13.76 -5.69
N SER C 68 -28.47 -14.64 -4.80
CA SER C 68 -29.23 -15.78 -4.28
C SER C 68 -29.26 -15.67 -2.76
N GLY C 69 -30.43 -15.37 -2.22
CA GLY C 69 -30.59 -15.30 -0.77
C GLY C 69 -29.63 -14.37 -0.08
N THR C 70 -28.70 -14.96 0.65
CA THR C 70 -27.64 -14.21 1.35
C THR C 70 -26.29 -14.28 0.64
N ASP C 71 -26.26 -14.79 -0.59
CA ASP C 71 -25.03 -14.97 -1.37
C ASP C 71 -25.07 -14.06 -2.59
N PHE C 72 -24.07 -13.20 -2.74
CA PHE C 72 -24.04 -12.18 -3.78
C PHE C 72 -22.79 -12.34 -4.61
N THR C 73 -22.91 -12.21 -5.93
CA THR C 73 -21.77 -12.38 -6.83
C THR C 73 -21.65 -11.18 -7.76
N LEU C 74 -20.57 -10.40 -7.59
CA LEU C 74 -20.10 -9.52 -8.66
C LEU C 74 -19.56 -10.34 -9.84
N THR C 75 -19.80 -9.88 -11.06
CA THR C 75 -19.34 -10.61 -12.23
C THR C 75 -18.83 -9.63 -13.29
N ILE C 76 -17.71 -9.98 -13.95
CA ILE C 76 -17.14 -9.20 -15.05
C ILE C 76 -17.08 -10.08 -16.29
N SER C 77 -17.82 -9.70 -17.33
CA SER C 77 -18.10 -10.58 -18.47
C SER C 77 -16.92 -10.78 -19.40
N SER C 78 -15.95 -9.86 -19.45
CA SER C 78 -14.60 -10.20 -19.89
C SER C 78 -13.68 -9.07 -19.44
N LEU C 79 -12.65 -9.42 -18.66
CA LEU C 79 -11.77 -8.41 -18.07
C LEU C 79 -11.09 -7.54 -19.13
N GLN C 80 -11.07 -6.26 -18.85
CA GLN C 80 -10.21 -5.33 -19.58
C GLN C 80 -9.06 -4.92 -18.67
N PRO C 81 -7.92 -4.54 -19.24
CA PRO C 81 -6.77 -4.18 -18.40
C PRO C 81 -7.10 -3.12 -17.35
N GLU C 82 -7.92 -2.15 -17.66
CA GLU C 82 -8.26 -1.20 -16.60
C GLU C 82 -9.06 -1.83 -15.43
N ASP C 83 -9.26 -3.16 -15.35
CA ASP C 83 -10.12 -3.75 -14.36
C ASP C 83 -9.40 -4.49 -13.25
N PHE C 84 -8.10 -4.70 -13.39
CA PHE C 84 -7.39 -5.37 -12.32
C PHE C 84 -7.28 -4.40 -11.14
N ALA C 85 -7.82 -4.79 -10.00
CA ALA C 85 -7.88 -3.95 -8.81
C ALA C 85 -8.39 -4.84 -7.67
N THR C 86 -8.50 -4.26 -6.47
CA THR C 86 -9.24 -4.93 -5.41
C THR C 86 -10.71 -4.54 -5.54
N TYR C 87 -11.61 -5.45 -5.13
CA TYR C 87 -13.05 -5.20 -5.13
C TYR C 87 -13.61 -5.52 -3.76
N TYR C 88 -14.42 -4.61 -3.21
CA TYR C 88 -15.06 -4.87 -1.93
C TYR C 88 -16.57 -5.09 -2.09
N CYS C 89 -17.23 -5.43 -0.99
CA CYS C 89 -18.67 -5.62 -0.95
C CYS C 89 -19.14 -5.06 0.38
N GLN C 90 -20.30 -4.43 0.36
CA GLN C 90 -20.80 -3.77 1.54
C GLN C 90 -22.24 -4.21 1.74
N GLN C 91 -22.64 -4.41 3.00
CA GLN C 91 -24.06 -4.45 3.30
C GLN C 91 -24.41 -3.14 3.99
N SER C 92 -25.56 -2.59 3.65
CA SER C 92 -26.13 -1.51 4.42
C SER C 92 -27.56 -1.83 4.74
N TYR C 93 -27.78 -3.09 5.13
CA TYR C 93 -29.11 -3.52 5.56
C TYR C 93 -29.41 -3.00 6.96
N SER C 94 -28.43 -3.03 7.85
CA SER C 94 -28.56 -2.39 9.15
C SER C 94 -27.17 -2.11 9.69
N PHE C 95 -27.10 -1.18 10.65
CA PHE C 95 -25.91 -0.66 11.29
C PHE C 95 -25.48 -1.59 12.42
N PRO C 96 -24.18 -1.82 12.61
CA PRO C 96 -23.07 -1.24 11.89
C PRO C 96 -22.94 -1.80 10.48
N SER C 97 -22.45 -1.00 9.55
CA SER C 97 -22.25 -1.51 8.20
C SER C 97 -21.12 -2.53 8.21
N THR C 98 -20.96 -3.26 7.11
CA THR C 98 -19.94 -4.29 7.05
C THR C 98 -19.39 -4.39 5.65
N PHE C 99 -18.08 -4.27 5.52
CA PHE C 99 -17.39 -4.47 4.26
C PHE C 99 -16.78 -5.85 4.18
N GLY C 100 -16.92 -6.48 3.03
CA GLY C 100 -16.08 -7.60 2.71
C GLY C 100 -14.62 -7.22 2.84
N GLN C 101 -13.78 -8.24 2.82
CA GLN C 101 -12.35 -8.02 2.96
C GLN C 101 -11.66 -7.89 1.62
N GLY C 102 -12.38 -7.87 0.53
CA GLY C 102 -11.71 -7.60 -0.72
C GLY C 102 -11.30 -8.85 -1.47
N THR C 103 -11.14 -8.67 -2.78
CA THR C 103 -10.66 -9.68 -3.71
C THR C 103 -9.68 -8.94 -4.60
N LYS C 104 -8.39 -9.03 -4.32
CA LYS C 104 -7.44 -8.44 -5.26
C LYS C 104 -7.44 -9.28 -6.53
N VAL C 105 -7.37 -8.61 -7.67
CA VAL C 105 -7.39 -9.27 -8.96
C VAL C 105 -6.13 -8.91 -9.71
N GLU C 106 -5.46 -9.92 -10.26
CA GLU C 106 -4.11 -9.79 -10.75
C GLU C 106 -4.00 -10.54 -12.06
N ILE C 107 -2.94 -10.22 -12.80
CA ILE C 107 -2.82 -10.60 -14.20
C ILE C 107 -1.98 -11.86 -14.31
N LYS C 108 -2.57 -12.91 -14.83
CA LYS C 108 -1.85 -14.15 -15.09
C LYS C 108 -0.86 -13.94 -16.24
N ARG C 109 0.40 -14.35 -16.02
CA ARG C 109 1.43 -14.42 -17.05
C ARG C 109 2.24 -15.70 -16.86
N THR C 110 3.31 -15.88 -17.65
CA THR C 110 4.17 -17.05 -17.53
C THR C 110 5.35 -16.74 -16.61
N VAL C 111 6.03 -17.80 -16.17
CA VAL C 111 6.89 -17.68 -15.00
C VAL C 111 8.15 -16.88 -15.33
N ALA C 112 8.49 -15.93 -14.46
CA ALA C 112 9.65 -15.08 -14.63
C ALA C 112 10.58 -15.34 -13.46
N ALA C 113 11.74 -15.95 -13.75
CA ALA C 113 12.78 -16.11 -12.74
C ALA C 113 13.35 -14.75 -12.37
N PRO C 114 13.63 -14.51 -11.09
CA PRO C 114 14.11 -13.19 -10.67
C PRO C 114 15.58 -13.01 -11.01
N SER C 115 15.96 -11.76 -11.14
CA SER C 115 17.36 -11.39 -11.31
C SER C 115 17.86 -10.88 -9.98
N VAL C 116 18.88 -11.53 -9.42
CA VAL C 116 19.20 -11.37 -8.00
C VAL C 116 20.44 -10.50 -7.85
N PHE C 117 20.35 -9.56 -6.90
CA PHE C 117 21.28 -8.48 -6.70
C PHE C 117 21.45 -8.31 -5.19
N ILE C 118 22.68 -8.17 -4.73
CA ILE C 118 22.94 -7.93 -3.32
C ILE C 118 23.77 -6.67 -3.15
N PHE C 119 23.44 -5.89 -2.10
CA PHE C 119 24.04 -4.61 -1.81
C PHE C 119 24.59 -4.62 -0.39
N PRO C 120 25.86 -4.30 -0.19
CA PRO C 120 26.39 -4.13 1.16
C PRO C 120 25.88 -2.85 1.79
N PRO C 121 26.32 -2.51 2.99
CA PRO C 121 25.94 -1.22 3.57
C PRO C 121 26.89 -0.13 3.13
N SER C 122 26.34 1.07 3.03
CA SER C 122 27.18 2.23 2.78
C SER C 122 28.12 2.47 3.95
N ASP C 123 29.37 2.85 3.65
CA ASP C 123 30.27 3.22 4.73
C ASP C 123 29.79 4.45 5.46
N GLU C 124 29.04 5.31 4.76
CA GLU C 124 28.37 6.44 5.42
C GLU C 124 27.46 5.96 6.54
N GLN C 125 26.69 4.90 6.28
CA GLN C 125 25.79 4.38 7.31
C GLN C 125 26.59 3.83 8.48
N LEU C 126 27.68 3.12 8.19
CA LEU C 126 28.47 2.54 9.26
C LEU C 126 29.02 3.60 10.20
N LYS C 127 29.07 4.87 9.76
CA LYS C 127 29.37 5.97 10.66
C LYS C 127 28.30 6.15 11.73
N SER C 128 27.13 5.54 11.56
CA SER C 128 26.02 5.70 12.49
C SER C 128 25.82 4.49 13.40
N GLY C 129 26.69 3.50 13.33
CA GLY C 129 26.60 2.34 14.20
C GLY C 129 25.63 1.26 13.79
N THR C 130 25.11 1.32 12.57
CA THR C 130 24.18 0.31 12.08
C THR C 130 24.62 -0.12 10.70
N ALA C 131 24.36 -1.39 10.36
CA ALA C 131 24.53 -1.87 9.02
C ALA C 131 23.16 -2.23 8.46
N SER C 132 22.98 -2.05 7.15
CA SER C 132 21.83 -2.57 6.43
C SER C 132 22.34 -3.25 5.17
N VAL C 133 21.94 -4.51 4.94
CA VAL C 133 22.36 -5.28 3.78
C VAL C 133 21.11 -5.55 2.96
N VAL C 134 21.11 -5.16 1.69
CA VAL C 134 19.89 -5.22 0.90
C VAL C 134 20.05 -6.25 -0.22
N CYS C 135 18.98 -7.01 -0.44
CA CYS C 135 18.94 -8.03 -1.47
C CYS C 135 17.78 -7.71 -2.41
N LEU C 136 18.07 -7.61 -3.69
CA LEU C 136 17.06 -7.28 -4.69
C LEU C 136 16.73 -8.52 -5.52
N LEU C 137 15.43 -8.85 -5.58
CA LEU C 137 14.88 -9.82 -6.52
C LEU C 137 14.09 -9.04 -7.55
N ASN C 138 14.49 -9.14 -8.81
CA ASN C 138 14.07 -8.20 -9.83
C ASN C 138 13.18 -8.87 -10.88
N ASN C 139 12.01 -8.28 -11.10
CA ASN C 139 11.07 -8.69 -12.16
C ASN C 139 10.93 -10.22 -12.20
N PHE C 140 10.33 -10.75 -11.14
CA PHE C 140 9.97 -12.15 -11.06
C PHE C 140 8.46 -12.33 -11.08
N TYR C 141 8.03 -13.52 -11.48
CA TYR C 141 6.62 -13.89 -11.45
C TYR C 141 6.55 -15.41 -11.51
N PRO C 142 5.70 -16.08 -10.71
CA PRO C 142 4.70 -15.58 -9.75
C PRO C 142 5.30 -14.94 -8.52
N ARG C 143 4.43 -14.56 -7.59
CA ARG C 143 4.87 -13.66 -6.55
C ARG C 143 5.63 -14.35 -5.43
N GLU C 144 5.46 -15.67 -5.26
CA GLU C 144 6.01 -16.37 -4.10
C GLU C 144 7.51 -16.60 -4.28
N ALA C 145 8.30 -16.17 -3.30
CA ALA C 145 9.74 -16.37 -3.35
C ALA C 145 10.29 -16.54 -1.93
N LYS C 146 11.49 -17.11 -1.85
CA LYS C 146 12.13 -17.44 -0.59
C LYS C 146 13.45 -16.67 -0.52
N VAL C 147 13.68 -15.94 0.57
CA VAL C 147 14.91 -15.18 0.73
C VAL C 147 15.50 -15.51 2.09
N GLN C 148 16.59 -16.27 2.08
CA GLN C 148 17.32 -16.65 3.29
C GLN C 148 18.69 -15.98 3.30
N TRP C 149 19.03 -15.37 4.44
CA TRP C 149 20.32 -14.73 4.67
C TRP C 149 21.25 -15.68 5.42
N LYS C 150 22.35 -16.09 4.78
CA LYS C 150 23.35 -16.88 5.45
C LYS C 150 24.59 -16.00 5.62
N VAL C 151 25.10 -15.95 6.86
CA VAL C 151 26.22 -15.09 7.24
C VAL C 151 27.30 -16.00 7.80
N ASP C 152 28.40 -16.14 7.05
CA ASP C 152 29.39 -17.18 7.32
C ASP C 152 28.68 -18.52 7.42
N ASN C 153 27.83 -18.79 6.44
CA ASN C 153 26.99 -19.97 6.28
C ASN C 153 26.13 -20.27 7.50
N ALA C 154 25.86 -19.26 8.32
CA ALA C 154 24.89 -19.38 9.39
C ALA C 154 23.58 -18.74 8.92
N LEU C 155 22.53 -19.55 8.93
CA LEU C 155 21.20 -19.08 8.55
C LEU C 155 20.69 -18.10 9.59
N GLN C 156 20.12 -16.98 9.13
CA GLN C 156 19.64 -15.94 10.02
C GLN C 156 18.15 -16.09 10.25
N SER C 157 17.62 -15.35 11.23
CA SER C 157 16.19 -15.38 11.43
C SER C 157 15.73 -14.20 12.28
N GLY C 158 14.73 -13.45 11.76
CA GLY C 158 14.05 -12.41 12.50
C GLY C 158 14.84 -11.16 12.67
N ASN C 159 15.94 -11.02 11.94
CA ASN C 159 16.64 -9.76 11.82
C ASN C 159 16.52 -9.20 10.40
N SER C 160 15.43 -9.51 9.70
CA SER C 160 15.32 -9.00 8.34
C SER C 160 13.85 -8.89 7.95
N GLN C 161 13.47 -7.71 7.43
CA GLN C 161 12.13 -7.38 6.94
C GLN C 161 12.10 -7.47 5.41
N GLU C 162 10.93 -7.26 4.81
CA GLU C 162 10.95 -7.17 3.34
C GLU C 162 9.71 -6.43 2.82
N SER C 163 9.72 -6.10 1.51
CA SER C 163 8.51 -5.57 0.88
C SER C 163 8.52 -5.87 -0.62
N VAL C 164 7.31 -5.90 -1.19
CA VAL C 164 7.06 -6.33 -2.57
C VAL C 164 6.39 -5.20 -3.34
N THR C 165 6.79 -5.04 -4.60
CA THR C 165 6.11 -4.06 -5.43
C THR C 165 4.75 -4.59 -5.86
N GLU C 166 3.88 -3.65 -6.23
CA GLU C 166 2.68 -4.04 -6.93
C GLU C 166 3.08 -4.63 -8.28
N GLN C 167 2.16 -5.36 -8.87
CA GLN C 167 2.45 -5.99 -10.14
C GLN C 167 2.81 -4.92 -11.16
N ASP C 168 3.88 -5.13 -11.93
CA ASP C 168 4.36 -4.05 -12.79
C ASP C 168 3.40 -3.80 -13.94
N SER C 169 3.22 -2.53 -14.30
CA SER C 169 2.22 -2.17 -15.31
C SER C 169 2.59 -2.68 -16.70
N LYS C 170 3.89 -2.65 -17.05
CA LYS C 170 4.31 -3.10 -18.38
C LYS C 170 4.36 -4.63 -18.49
N ASP C 171 5.27 -5.28 -17.74
CA ASP C 171 5.50 -6.71 -17.91
C ASP C 171 4.85 -7.56 -16.83
N SER C 172 4.03 -6.96 -15.96
CA SER C 172 3.17 -7.70 -15.06
C SER C 172 3.94 -8.57 -14.08
N THR C 173 5.12 -8.13 -13.65
CA THR C 173 6.00 -8.89 -12.77
C THR C 173 6.06 -8.26 -11.38
N TYR C 174 6.77 -8.93 -10.48
CA TYR C 174 6.96 -8.48 -9.11
C TYR C 174 8.44 -8.25 -8.81
N SER C 175 8.70 -7.51 -7.73
CA SER C 175 10.07 -7.30 -7.29
C SER C 175 10.09 -7.14 -5.79
N LEU C 176 11.25 -7.41 -5.19
CA LEU C 176 11.30 -7.60 -3.74
C LEU C 176 12.61 -7.07 -3.18
N SER C 177 12.53 -6.35 -2.05
CA SER C 177 13.73 -5.90 -1.34
C SER C 177 13.71 -6.47 0.07
N SER C 178 14.66 -7.36 0.35
CA SER C 178 14.87 -7.93 1.68
C SER C 178 15.97 -7.15 2.37
N THR C 179 15.77 -6.79 3.63
CA THR C 179 16.70 -5.90 4.33
C THR C 179 17.17 -6.55 5.63
N LEU C 180 18.43 -6.98 5.67
CA LEU C 180 19.05 -7.50 6.89
C LEU C 180 19.60 -6.35 7.71
N THR C 181 19.12 -6.16 8.93
CA THR C 181 19.62 -5.11 9.81
C THR C 181 20.50 -5.73 10.90
N LEU C 182 21.73 -5.20 11.05
CA LEU C 182 22.70 -5.60 12.07
C LEU C 182 23.15 -4.38 12.86
N SER C 183 23.81 -4.61 13.99
CA SER C 183 24.55 -3.53 14.60
C SER C 183 25.94 -3.50 13.96
N LYS C 184 26.51 -2.29 13.88
CA LYS C 184 27.88 -2.17 13.39
C LYS C 184 28.79 -3.11 14.17
N ALA C 185 28.58 -3.22 15.49
CA ALA C 185 29.43 -4.05 16.32
C ALA C 185 29.42 -5.51 15.85
N ASP C 186 28.22 -6.05 15.61
CA ASP C 186 28.10 -7.40 15.09
C ASP C 186 28.42 -7.49 13.60
N TYR C 187 28.10 -6.45 12.83
CA TYR C 187 28.36 -6.48 11.41
C TYR C 187 29.83 -6.75 11.12
N GLU C 188 30.70 -6.02 11.79
CA GLU C 188 32.13 -6.09 11.56
C GLU C 188 32.75 -7.42 11.96
N LYS C 189 32.01 -8.27 12.65
CA LYS C 189 32.56 -9.52 13.19
C LYS C 189 32.60 -10.66 12.17
N HIS C 190 32.11 -10.47 10.95
CA HIS C 190 31.92 -11.57 10.03
C HIS C 190 32.30 -11.13 8.62
N LYS C 191 32.47 -12.11 7.72
CA LYS C 191 33.00 -11.85 6.38
C LYS C 191 32.02 -12.14 5.26
N VAL C 192 31.51 -13.37 5.12
CA VAL C 192 30.80 -13.76 3.91
C VAL C 192 29.30 -13.51 4.12
N TYR C 193 28.78 -12.44 3.52
CA TYR C 193 27.36 -12.13 3.59
C TYR C 193 26.67 -12.51 2.28
N ALA C 194 25.58 -13.28 2.38
CA ALA C 194 25.00 -13.98 1.25
C ALA C 194 23.49 -13.87 1.29
N CYS C 195 22.91 -14.09 0.12
CA CYS C 195 21.49 -13.95 -0.11
C CYS C 195 21.11 -15.14 -0.97
N GLU C 196 20.21 -15.99 -0.49
CA GLU C 196 19.91 -17.19 -1.25
C GLU C 196 18.43 -17.26 -1.53
N VAL C 197 18.08 -17.49 -2.78
CA VAL C 197 16.75 -17.20 -3.29
C VAL C 197 16.16 -18.43 -3.95
N THR C 198 14.91 -18.71 -3.63
CA THR C 198 14.21 -19.87 -4.16
C THR C 198 12.95 -19.40 -4.88
N HIS C 199 12.76 -19.89 -6.09
CA HIS C 199 11.63 -19.44 -6.88
C HIS C 199 11.36 -20.47 -7.95
N GLN C 200 10.15 -20.41 -8.49
CA GLN C 200 9.73 -21.41 -9.47
C GLN C 200 10.53 -21.30 -10.76
N GLY C 201 11.00 -20.12 -11.11
CA GLY C 201 11.86 -20.01 -12.27
C GLY C 201 13.28 -20.43 -12.03
N LEU C 202 13.59 -20.86 -10.82
CA LEU C 202 14.92 -21.29 -10.45
C LEU C 202 14.93 -22.82 -10.33
N SER C 203 15.64 -23.46 -11.24
CA SER C 203 15.85 -24.89 -11.18
C SER C 203 16.64 -25.29 -9.95
N SER C 204 17.41 -24.36 -9.40
CA SER C 204 18.10 -24.55 -8.13
C SER C 204 18.41 -23.17 -7.56
N PRO C 205 18.44 -23.03 -6.23
CA PRO C 205 18.43 -21.70 -5.64
C PRO C 205 19.64 -20.90 -6.05
N VAL C 206 19.45 -19.60 -6.12
CA VAL C 206 20.47 -18.68 -6.59
C VAL C 206 21.03 -17.96 -5.39
N THR C 207 22.34 -17.95 -5.29
CA THR C 207 23.03 -17.22 -4.25
C THR C 207 23.78 -16.07 -4.91
N LYS C 208 23.52 -14.85 -4.44
CA LYS C 208 24.40 -13.72 -4.64
C LYS C 208 24.96 -13.34 -3.28
N SER C 209 26.24 -12.99 -3.25
CA SER C 209 26.94 -12.90 -1.99
C SER C 209 28.13 -11.99 -2.19
N PHE C 210 28.74 -11.57 -1.08
CA PHE C 210 29.98 -10.78 -1.16
C PHE C 210 30.80 -11.05 0.09
N ASN C 211 31.97 -10.42 0.17
CA ASN C 211 32.86 -10.53 1.31
C ASN C 211 33.11 -9.14 1.89
N ARG C 212 32.91 -8.99 3.19
CA ARG C 212 32.97 -7.69 3.84
C ARG C 212 34.35 -7.09 3.71
N GLY C 213 34.51 -6.10 2.84
CA GLY C 213 35.80 -5.44 2.71
C GLY C 213 36.67 -5.93 1.57
N GLU C 214 36.11 -6.62 0.59
CA GLU C 214 36.74 -6.74 -0.70
C GLU C 214 36.35 -5.54 -1.54
N CYS C 215 36.78 -5.51 -2.80
CA CYS C 215 36.47 -4.35 -3.60
C CYS C 215 35.30 -4.57 -4.56
#